data_5C7B
#
_entry.id   5C7B
#
_cell.length_a   71.153
_cell.length_b   71.153
_cell.length_c   105.386
_cell.angle_alpha   90.00
_cell.angle_beta   90.00
_cell.angle_gamma   90.00
#
_symmetry.space_group_name_H-M   'P 41 2 2'
#
loop_
_entity.id
_entity.type
_entity.pdbx_description
1 polymer 'E3 ubiquitin-protein ligase XIAP'
2 non-polymer 'ZINC ION'
3 non-polymer (2R)-2-methyl-4-[2-oxo-2-(pyrrolidin-1-yl)ethyl]piperazin-1-ium
4 water water
#
_entity_poly.entity_id   1
_entity_poly.type   'polypeptide(L)'
_entity_poly.pdbx_seq_one_letter_code
;GSHMNFPNSTNLPRNPSMADYEARIFTFGTWIYSVNKEQLARAGFYALGEGDKVKCFHCGGGLTDWKPSEDPWEQHAKWY
PGCKYLLEQKGQEYINNIHLTHSLEECLVR
;
_entity_poly.pdbx_strand_id   A
#
# COMPACT_ATOMS: atom_id res chain seq x y z
N ASN A 5 -7.34 -9.28 11.78
CA ASN A 5 -6.00 -8.81 12.26
C ASN A 5 -5.79 -7.29 12.18
N PHE A 6 -5.36 -6.69 13.29
CA PHE A 6 -5.19 -5.24 13.42
C PHE A 6 -3.94 -4.76 12.68
N PRO A 7 -3.89 -3.47 12.31
CA PRO A 7 -2.74 -2.97 11.55
C PRO A 7 -1.49 -2.61 12.44
N ASN A 8 -0.30 -3.01 11.98
CA ASN A 8 0.94 -2.74 12.70
C ASN A 8 1.38 -1.26 12.58
N SER A 9 1.36 -0.54 13.71
CA SER A 9 1.81 0.84 13.73
C SER A 9 3.09 1.05 14.47
N THR A 10 3.77 -0.04 14.82
CA THR A 10 5.13 0.01 15.40
C THR A 10 6.13 0.26 14.29
N ASN A 11 7.34 0.63 14.69
CA ASN A 11 8.41 0.93 13.74
C ASN A 11 9.12 -0.28 13.18
N LEU A 12 8.61 -1.46 13.56
CA LEU A 12 9.15 -2.73 13.16
C LEU A 12 8.20 -3.42 12.21
N PRO A 13 8.72 -3.92 11.07
CA PRO A 13 7.84 -4.50 10.08
C PRO A 13 7.29 -5.83 10.53
N ARG A 14 6.03 -6.08 10.18
CA ARG A 14 5.36 -7.29 10.50
C ARG A 14 5.91 -8.50 9.71
N ASN A 15 6.34 -8.27 8.47
CA ASN A 15 6.89 -9.35 7.67
C ASN A 15 8.29 -8.95 7.19
N PRO A 16 9.32 -9.14 8.04
CA PRO A 16 10.67 -8.70 7.61
C PRO A 16 11.29 -9.52 6.48
N SER A 17 10.79 -10.75 6.26
CA SER A 17 11.15 -11.51 5.06
C SER A 17 10.85 -10.75 3.74
N MET A 18 9.92 -9.79 3.81
CA MET A 18 9.52 -8.96 2.65
C MET A 18 9.98 -7.48 2.73
N ALA A 19 11.07 -7.23 3.44
CA ALA A 19 11.52 -5.87 3.69
C ALA A 19 12.30 -5.28 2.55
N ASP A 20 12.93 -6.14 1.75
CA ASP A 20 13.69 -5.71 0.57
C ASP A 20 12.73 -5.60 -0.61
N TYR A 21 12.97 -4.58 -1.42
CA TYR A 21 12.21 -4.39 -2.64
C TYR A 21 12.33 -5.63 -3.57
N GLU A 22 13.54 -6.18 -3.70
CA GLU A 22 13.80 -7.41 -4.46
C GLU A 22 12.84 -8.52 -4.08
N ALA A 23 12.72 -8.78 -2.79
CA ALA A 23 11.91 -9.85 -2.27
C ALA A 23 10.45 -9.70 -2.71
N ARG A 24 9.91 -8.52 -2.47
CA ARG A 24 8.51 -8.22 -2.78
C ARG A 24 8.21 -8.50 -4.26
N ILE A 25 9.11 -8.02 -5.13
CA ILE A 25 8.94 -8.16 -6.57
C ILE A 25 8.77 -9.61 -7.04
N PHE A 26 9.56 -10.54 -6.52
CA PHE A 26 9.44 -11.96 -6.87
C PHE A 26 8.05 -12.54 -6.63
N THR A 27 7.35 -12.02 -5.62
CA THR A 27 6.03 -12.54 -5.25
C THR A 27 4.97 -12.41 -6.36
N PHE A 28 5.15 -11.46 -7.26
CA PHE A 28 4.13 -11.16 -8.26
C PHE A 28 4.06 -12.20 -9.38
N GLY A 29 5.23 -12.55 -9.89
CA GLY A 29 5.33 -13.34 -11.10
C GLY A 29 4.79 -12.55 -12.26
N THR A 30 4.21 -13.23 -13.25
CA THR A 30 3.56 -12.51 -14.33
C THR A 30 2.29 -11.88 -13.81
N TRP A 31 2.23 -10.56 -13.92
CA TRP A 31 1.20 -9.75 -13.29
C TRP A 31 0.25 -9.14 -14.33
N ILE A 32 -1.00 -9.58 -14.32
CA ILE A 32 -1.96 -9.20 -15.37
C ILE A 32 -2.77 -7.97 -15.00
N TYR A 33 -2.68 -7.57 -13.73
CA TYR A 33 -3.60 -6.61 -13.12
C TYR A 33 -3.29 -5.19 -13.50
N SER A 34 -4.24 -4.29 -13.24
CA SER A 34 -4.20 -2.97 -13.90
C SER A 34 -3.26 -1.99 -13.22
N VAL A 35 -2.71 -2.41 -12.09
CA VAL A 35 -1.75 -1.60 -11.39
C VAL A 35 -0.35 -2.22 -11.45
N ASN A 36 0.60 -1.36 -11.81
CA ASN A 36 2.00 -1.64 -12.01
C ASN A 36 2.65 -2.32 -10.78
N LYS A 37 3.26 -3.47 -11.00
CA LYS A 37 3.79 -4.24 -9.91
C LYS A 37 5.01 -3.57 -9.23
N GLU A 38 5.86 -2.90 -10.02
CA GLU A 38 7.05 -2.25 -9.44
C GLU A 38 6.63 -1.06 -8.59
N GLN A 39 5.60 -0.35 -9.06
CA GLN A 39 4.97 0.71 -8.31
C GLN A 39 4.44 0.20 -6.98
N LEU A 40 3.79 -0.97 -7.00
CA LEU A 40 3.25 -1.62 -5.81
C LEU A 40 4.35 -2.04 -4.83
N ALA A 41 5.40 -2.63 -5.35
CA ALA A 41 6.50 -3.05 -4.52
C ALA A 41 7.17 -1.84 -3.87
N ARG A 42 7.34 -0.76 -4.64
CA ARG A 42 7.96 0.47 -4.16
C ARG A 42 7.19 1.06 -2.98
N ALA A 43 5.87 0.90 -3.03
CA ALA A 43 4.97 1.26 -1.94
C ALA A 43 4.90 0.23 -0.80
N GLY A 44 5.77 -0.77 -0.85
CA GLY A 44 5.90 -1.77 0.22
C GLY A 44 5.05 -3.03 0.10
N PHE A 45 4.41 -3.19 -1.05
CA PHE A 45 3.50 -4.29 -1.26
C PHE A 45 4.14 -5.50 -1.94
N TYR A 46 3.68 -6.68 -1.53
CA TYR A 46 4.06 -7.91 -2.18
C TYR A 46 2.74 -8.63 -2.47
N ALA A 47 2.77 -9.59 -3.39
CA ALA A 47 1.53 -10.22 -3.87
C ALA A 47 1.24 -11.41 -3.01
N LEU A 48 -0.04 -11.67 -2.79
CA LEU A 48 -0.44 -12.90 -2.11
C LEU A 48 -0.65 -14.10 -3.05
N GLY A 49 -0.80 -13.85 -4.35
CA GLY A 49 -1.07 -14.88 -5.33
C GLY A 49 -2.55 -15.18 -5.45
N GLU A 50 -3.39 -14.36 -4.83
CA GLU A 50 -4.83 -14.50 -5.05
C GLU A 50 -5.42 -13.25 -5.67
N GLY A 51 -5.68 -13.32 -6.97
CA GLY A 51 -6.11 -12.16 -7.71
C GLY A 51 -5.08 -11.07 -7.52
N ASP A 52 -5.53 -9.85 -7.30
CA ASP A 52 -4.60 -8.76 -7.13
C ASP A 52 -4.47 -8.35 -5.67
N LYS A 53 -4.67 -9.31 -4.76
CA LYS A 53 -4.40 -9.13 -3.34
C LYS A 53 -2.91 -8.82 -3.08
N VAL A 54 -2.66 -7.63 -2.56
CA VAL A 54 -1.35 -7.26 -2.03
C VAL A 54 -1.44 -7.06 -0.51
N LYS A 55 -0.29 -7.22 0.16
CA LYS A 55 -0.15 -6.98 1.60
C LYS A 55 1.10 -6.13 1.76
N CYS A 56 1.07 -5.15 2.68
CA CYS A 56 2.23 -4.28 2.95
C CYS A 56 3.08 -5.05 3.92
N PHE A 57 4.39 -5.14 3.63
CA PHE A 57 5.31 -5.90 4.47
C PHE A 57 5.44 -5.34 5.88
N HIS A 58 5.25 -4.03 6.00
CA HIS A 58 5.45 -3.37 7.26
C HIS A 58 4.24 -3.35 8.17
N CYS A 59 3.14 -2.77 7.72
CA CYS A 59 1.91 -2.68 8.50
C CYS A 59 1.07 -3.95 8.39
N GLY A 60 1.32 -4.72 7.33
CA GLY A 60 0.51 -5.90 7.05
C GLY A 60 -0.83 -5.56 6.40
N GLY A 61 -1.08 -4.29 6.13
CA GLY A 61 -2.35 -3.90 5.60
C GLY A 61 -2.60 -4.47 4.22
N GLY A 62 -3.74 -5.11 4.03
CA GLY A 62 -4.07 -5.71 2.75
C GLY A 62 -5.03 -4.89 1.90
N LEU A 63 -4.78 -4.93 0.60
CA LEU A 63 -5.59 -4.24 -0.39
C LEU A 63 -5.84 -5.10 -1.64
N THR A 64 -7.02 -4.91 -2.23
CA THR A 64 -7.50 -5.76 -3.32
C THR A 64 -8.31 -4.97 -4.35
N ASP A 65 -8.58 -5.58 -5.52
CA ASP A 65 -9.46 -5.01 -6.56
C ASP A 65 -8.99 -3.67 -7.08
N TRP A 66 -7.73 -3.67 -7.53
CA TRP A 66 -7.05 -2.51 -8.10
C TRP A 66 -7.67 -1.97 -9.38
N LYS A 67 -8.24 -0.77 -9.31
CA LYS A 67 -8.75 -0.03 -10.49
C LYS A 67 -7.58 0.71 -11.15
N PRO A 68 -7.68 1.02 -12.48
CA PRO A 68 -6.50 1.62 -13.12
C PRO A 68 -6.17 3.02 -12.58
N SER A 69 -7.21 3.75 -12.17
CA SER A 69 -7.09 5.07 -11.54
C SER A 69 -6.59 5.11 -10.05
N GLU A 70 -6.22 3.95 -9.48
CA GLU A 70 -5.80 3.90 -8.07
C GLU A 70 -4.28 3.82 -7.95
N ASP A 71 -3.68 4.68 -7.12
CA ASP A 71 -2.23 4.67 -6.86
C ASP A 71 -1.99 3.83 -5.60
N PRO A 72 -1.01 2.88 -5.66
CA PRO A 72 -0.47 2.21 -4.46
C PRO A 72 -0.23 3.12 -3.24
N TRP A 73 0.52 4.23 -3.37
CA TRP A 73 0.87 5.05 -2.19
C TRP A 73 -0.35 5.77 -1.63
N GLU A 74 -1.19 6.28 -2.52
CA GLU A 74 -2.52 6.78 -2.17
C GLU A 74 -3.43 5.77 -1.41
N GLN A 75 -3.56 4.56 -1.96
CA GLN A 75 -4.36 3.52 -1.30
C GLN A 75 -3.77 3.03 0.06
N HIS A 76 -2.44 2.94 0.12
CA HIS A 76 -1.71 2.66 1.32
C HIS A 76 -2.06 3.67 2.40
N ALA A 77 -1.92 4.97 2.07
CA ALA A 77 -2.23 6.05 2.99
C ALA A 77 -3.70 5.99 3.36
N LYS A 78 -4.57 5.70 2.39
CA LYS A 78 -6.01 5.71 2.64
C LYS A 78 -6.46 4.73 3.73
N TRP A 79 -5.96 3.50 3.64
CA TRP A 79 -6.47 2.43 4.44
C TRP A 79 -5.56 2.13 5.62
N TYR A 80 -4.27 2.43 5.46
CA TYR A 80 -3.27 2.13 6.51
C TYR A 80 -2.51 3.36 7.00
N PRO A 81 -3.26 4.40 7.45
CA PRO A 81 -2.65 5.68 7.69
C PRO A 81 -1.60 5.64 8.79
N GLY A 82 -1.61 4.58 9.61
CA GLY A 82 -0.70 4.44 10.74
C GLY A 82 0.60 3.69 10.47
N CYS A 83 0.80 3.24 9.22
CA CYS A 83 1.98 2.50 8.77
C CYS A 83 3.21 3.34 8.87
N LYS A 84 4.19 2.86 9.61
CA LYS A 84 5.43 3.60 9.78
C LYS A 84 6.32 3.59 8.55
N TYR A 85 6.17 2.58 7.70
CA TYR A 85 6.86 2.56 6.41
C TYR A 85 6.40 3.73 5.53
N LEU A 86 5.08 3.78 5.30
CA LEU A 86 4.40 4.91 4.68
C LEU A 86 4.88 6.24 5.23
N LEU A 87 4.83 6.42 6.56
CA LEU A 87 5.27 7.67 7.19
C LEU A 87 6.69 8.04 6.83
N GLU A 88 7.52 7.02 6.72
CA GLU A 88 8.90 7.25 6.44
C GLU A 88 9.22 7.53 5.00
N GLN A 89 8.56 6.85 4.08
CA GLN A 89 8.85 7.00 2.68
C GLN A 89 8.22 8.24 2.15
N LYS A 90 7.09 8.62 2.73
CA LYS A 90 6.30 9.71 2.17
C LYS A 90 6.28 10.99 2.95
N GLY A 91 6.41 10.92 4.26
CA GLY A 91 6.29 12.14 5.06
C GLY A 91 4.86 12.35 5.49
N GLN A 92 4.68 13.20 6.49
CA GLN A 92 3.35 13.43 7.05
C GLN A 92 2.59 14.43 6.15
N GLU A 93 3.28 15.43 5.59
CA GLU A 93 2.64 16.35 4.66
C GLU A 93 1.85 15.60 3.57
N TYR A 94 2.52 14.67 2.89
CA TYR A 94 1.88 13.81 1.90
C TYR A 94 0.64 13.07 2.44
N ILE A 95 0.74 12.47 3.62
CA ILE A 95 -0.37 11.67 4.21
C ILE A 95 -1.60 12.55 4.53
N ASN A 96 -1.31 13.80 4.90
CA ASN A 96 -2.37 14.73 5.20
C ASN A 96 -3.06 15.19 3.94
N ASN A 97 -2.27 15.59 2.94
CA ASN A 97 -2.76 15.82 1.59
C ASN A 97 -3.68 14.67 1.16
N ILE A 98 -3.20 13.43 1.15
CA ILE A 98 -4.05 12.29 0.74
C ILE A 98 -5.36 12.22 1.52
N HIS A 99 -5.31 12.51 2.82
CA HIS A 99 -6.51 12.35 3.58
C HIS A 99 -7.56 13.38 3.35
N LEU A 100 -7.14 14.64 3.43
CA LEU A 100 -7.92 15.76 2.99
C LEU A 100 -8.49 15.58 1.59
N THR A 101 -7.72 14.99 0.67
CA THR A 101 -8.19 14.75 -0.71
C THR A 101 -9.34 13.77 -0.72
N HIS A 102 -9.20 12.67 0.02
CA HIS A 102 -10.20 11.61 0.00
C HIS A 102 -11.47 11.98 0.76
N SER A 103 -11.29 12.64 1.90
CA SER A 103 -12.41 13.17 2.66
C SER A 103 -13.17 14.24 1.89
N LEU A 104 -12.47 15.16 1.21
CA LEU A 104 -13.14 16.16 0.38
C LEU A 104 -13.88 15.51 -0.78
N GLU A 105 -13.34 14.39 -1.25
CA GLU A 105 -13.98 13.62 -2.30
C GLU A 105 -15.30 13.04 -1.78
N GLU A 106 -15.23 12.35 -0.63
CA GLU A 106 -16.40 11.75 0.03
C GLU A 106 -17.36 12.78 0.65
N CYS A 107 -17.70 13.80 -0.13
CA CYS A 107 -18.36 15.01 0.34
C CYS A 107 -18.42 15.97 -0.85
N LEU A 108 -18.26 15.40 -2.04
CA LEU A 108 -18.45 16.07 -3.33
C LEU A 108 -19.04 15.06 -4.32
N VAL A 109 -18.54 13.82 -4.20
CA VAL A 109 -19.19 12.62 -4.75
C VAL A 109 -20.50 12.43 -3.96
N ARG A 110 -20.42 12.53 -2.63
CA ARG A 110 -21.58 12.49 -1.71
C ARG A 110 -22.47 13.72 -1.87
#